data_2QKQ
#
_entry.id   2QKQ
#
_cell.length_a   73.566
_cell.length_b   73.566
_cell.length_c   25.679
_cell.angle_alpha   90.00
_cell.angle_beta   90.00
_cell.angle_gamma   90.00
#
_symmetry.space_group_name_H-M   'P 42'
#
loop_
_entity.id
_entity.type
_entity.pdbx_description
1 polymer 'Ephrin type-B receptor 4'
2 non-polymer 'CHLORIDE ION'
3 water water
#
_entity_poly.entity_id   1
_entity_poly.type   'polypeptide(L)'
_entity_poly.pdbx_seq_one_letter_code
;GHPLLDQRQPHYSAFGSVGEWLRAIKMGRYEESFAAAGFGSFELVSQISAEDLLRIGVTLAGHQKKILASVQHMKSQAKP
GTP
;
_entity_poly.pdbx_strand_id   A,B
#
# COMPACT_ATOMS: atom_id res chain seq x y z
N ALA A 14 10.79 1.49 -2.73
CA ALA A 14 10.95 0.53 -1.53
C ALA A 14 9.76 0.65 -0.56
N PHE A 15 9.33 -0.49 -0.05
CA PHE A 15 8.30 -0.52 0.98
C PHE A 15 8.91 -0.69 2.38
N GLY A 16 8.21 -0.22 3.40
CA GLY A 16 8.67 -0.35 4.79
C GLY A 16 8.51 -1.77 5.33
N SER A 17 7.55 -2.50 4.77
CA SER A 17 7.23 -3.86 5.19
C SER A 17 6.46 -4.63 4.10
N VAL A 18 6.39 -5.95 4.24
CA VAL A 18 5.58 -6.81 3.35
C VAL A 18 4.10 -6.39 3.36
N GLY A 19 3.58 -6.06 4.54
CA GLY A 19 2.23 -5.55 4.68
C GLY A 19 1.96 -4.34 3.80
N GLU A 20 2.84 -3.34 3.89
CA GLU A 20 2.72 -2.11 3.07
C GLU A 20 2.69 -2.44 1.59
N TRP A 21 3.54 -3.38 1.17
CA TRP A 21 3.58 -3.83 -0.23
C TRP A 21 2.25 -4.47 -0.64
N LEU A 22 1.81 -5.48 0.11
CA LEU A 22 0.54 -6.16 -0.15
C LEU A 22 -0.62 -5.19 -0.24
N ARG A 23 -0.72 -4.30 0.75
CA ARG A 23 -1.72 -3.22 0.75
C ARG A 23 -1.64 -2.35 -0.51
N ALA A 24 -0.43 -2.00 -0.92
CA ALA A 24 -0.22 -1.09 -2.04
C ALA A 24 -0.70 -1.72 -3.33
N ILE A 25 -0.52 -3.02 -3.47
CA ILE A 25 -0.95 -3.71 -4.69
C ILE A 25 -2.35 -4.31 -4.53
N LYS A 26 -3.10 -3.80 -3.55
CA LYS A 26 -4.50 -4.17 -3.30
C LYS A 26 -4.67 -5.61 -2.85
N MET A 27 -3.59 -6.18 -2.32
CA MET A 27 -3.58 -7.55 -1.88
C MET A 27 -3.51 -7.65 -0.35
N GLY A 28 -3.90 -6.56 0.32
CA GLY A 28 -3.90 -6.48 1.79
C GLY A 28 -4.68 -7.58 2.49
N ARG A 29 -5.63 -8.18 1.77
CA ARG A 29 -6.43 -9.28 2.33
C ARG A 29 -5.56 -10.47 2.75
N TYR A 30 -4.39 -10.60 2.12
CA TYR A 30 -3.46 -11.70 2.42
C TYR A 30 -2.36 -11.39 3.45
N GLU A 31 -2.42 -10.25 4.14
CA GLU A 31 -1.39 -9.85 5.11
C GLU A 31 -1.12 -10.89 6.21
N GLU A 32 -2.17 -11.33 6.90
CA GLU A 32 -1.99 -12.28 8.02
C GLU A 32 -1.49 -13.64 7.54
N SER A 33 -1.96 -14.07 6.36
N SER A 33 -2.00 -14.05 6.37
CA SER A 33 -1.57 -15.37 5.82
CA SER A 33 -1.63 -15.29 5.74
C SER A 33 -0.13 -15.40 5.29
C SER A 33 -0.14 -15.34 5.39
N PHE A 34 0.37 -14.27 4.78
CA PHE A 34 1.81 -14.16 4.44
C PHE A 34 2.65 -14.26 5.72
N ALA A 35 2.22 -13.52 6.75
CA ALA A 35 2.99 -13.36 7.97
C ALA A 35 3.07 -14.67 8.74
N ALA A 36 1.92 -15.33 8.87
CA ALA A 36 1.82 -16.63 9.55
C ALA A 36 2.62 -17.73 8.83
N ALA A 37 2.71 -17.64 7.51
CA ALA A 37 3.47 -18.59 6.71
C ALA A 37 4.97 -18.30 6.72
N GLY A 38 5.37 -17.19 7.32
CA GLY A 38 6.78 -16.86 7.47
C GLY A 38 7.37 -16.05 6.34
N PHE A 39 6.53 -15.40 5.55
CA PHE A 39 7.00 -14.48 4.50
C PHE A 39 7.01 -13.05 5.02
N GLY A 40 7.98 -12.75 5.88
CA GLY A 40 8.05 -11.43 6.54
C GLY A 40 9.18 -10.54 6.06
N SER A 41 9.91 -10.99 5.04
CA SER A 41 10.95 -10.18 4.44
C SER A 41 10.88 -10.24 2.93
N PHE A 42 11.36 -9.18 2.29
CA PHE A 42 11.40 -9.16 0.83
C PHE A 42 12.38 -10.15 0.22
N GLU A 43 13.38 -10.56 0.99
N GLU A 43 13.38 -10.56 0.99
CA GLU A 43 14.32 -11.60 0.55
CA GLU A 43 14.32 -11.62 0.57
C GLU A 43 13.57 -12.92 0.29
C GLU A 43 13.58 -12.93 0.30
N LEU A 44 12.64 -13.25 1.18
CA LEU A 44 11.80 -14.43 0.99
C LEU A 44 10.74 -14.18 -0.08
N VAL A 45 10.02 -13.08 0.01
CA VAL A 45 8.93 -12.86 -0.97
C VAL A 45 9.45 -12.78 -2.41
N SER A 46 10.69 -12.35 -2.61
CA SER A 46 11.24 -12.24 -3.98
C SER A 46 11.45 -13.61 -4.65
N GLN A 47 11.53 -14.66 -3.83
CA GLN A 47 11.66 -16.03 -4.32
C GLN A 47 10.34 -16.81 -4.27
N ILE A 48 9.26 -16.13 -3.94
CA ILE A 48 7.95 -16.75 -3.84
C ILE A 48 7.51 -17.34 -5.19
N SER A 49 6.85 -18.49 -5.16
CA SER A 49 6.28 -19.06 -6.37
C SER A 49 4.76 -19.28 -6.25
N ALA A 50 4.13 -19.69 -7.35
CA ALA A 50 2.70 -19.96 -7.37
C ALA A 50 2.29 -20.97 -6.30
N GLU A 51 3.09 -22.02 -6.14
CA GLU A 51 2.83 -23.03 -5.11
C GLU A 51 2.82 -22.44 -3.70
N ASP A 52 3.79 -21.57 -3.40
CA ASP A 52 3.81 -20.85 -2.13
C ASP A 52 2.50 -20.07 -1.92
N LEU A 53 2.10 -19.30 -2.93
CA LEU A 53 0.88 -18.50 -2.86
C LEU A 53 -0.37 -19.35 -2.56
N LEU A 54 -0.45 -20.50 -3.20
CA LEU A 54 -1.55 -21.44 -2.99
C LEU A 54 -1.53 -21.99 -1.55
N ARG A 55 -0.36 -22.42 -1.11
CA ARG A 55 -0.18 -22.90 0.24
C ARG A 55 -0.67 -21.89 1.27
N ILE A 56 -0.31 -20.62 1.11
CA ILE A 56 -0.73 -19.64 2.12
C ILE A 56 -2.17 -19.12 1.99
N GLY A 57 -2.85 -19.47 0.90
CA GLY A 57 -4.29 -19.18 0.77
C GLY A 57 -4.68 -18.21 -0.33
N VAL A 58 -3.76 -17.90 -1.24
CA VAL A 58 -4.15 -17.10 -2.41
C VAL A 58 -4.70 -18.09 -3.45
N THR A 59 -6.01 -18.34 -3.42
CA THR A 59 -6.62 -19.37 -4.25
C THR A 59 -6.93 -18.92 -5.68
N LEU A 60 -6.99 -17.61 -5.88
CA LEU A 60 -7.38 -17.03 -7.16
C LEU A 60 -6.16 -16.79 -8.05
N ALA A 61 -6.18 -17.35 -9.26
CA ALA A 61 -5.06 -17.27 -10.19
C ALA A 61 -4.74 -15.83 -10.57
N GLY A 62 -5.78 -15.00 -10.67
CA GLY A 62 -5.64 -13.57 -10.94
C GLY A 62 -4.88 -12.81 -9.87
N HIS A 63 -5.09 -13.19 -8.61
CA HIS A 63 -4.33 -12.62 -7.49
C HIS A 63 -2.89 -13.15 -7.47
N GLN A 64 -2.72 -14.44 -7.73
CA GLN A 64 -1.39 -15.06 -7.86
C GLN A 64 -0.56 -14.36 -8.93
N LYS A 65 -1.15 -14.16 -10.11
CA LYS A 65 -0.52 -13.44 -11.21
C LYS A 65 -0.13 -12.03 -10.83
N LYS A 66 -1.04 -11.30 -10.19
CA LYS A 66 -0.77 -9.91 -9.79
C LYS A 66 0.36 -9.86 -8.78
N ILE A 67 0.33 -10.75 -7.80
CA ILE A 67 1.39 -10.82 -6.80
C ILE A 67 2.73 -11.18 -7.47
N LEU A 68 2.74 -12.24 -8.29
CA LEU A 68 3.98 -12.71 -8.92
C LEU A 68 4.58 -11.71 -9.90
N ALA A 69 3.72 -10.96 -10.58
CA ALA A 69 4.14 -9.90 -11.51
C ALA A 69 4.76 -8.75 -10.74
N SER A 70 4.22 -8.48 -9.55
CA SER A 70 4.75 -7.43 -8.68
C SER A 70 6.14 -7.80 -8.14
N VAL A 71 6.30 -9.06 -7.70
CA VAL A 71 7.60 -9.49 -7.19
C VAL A 71 8.68 -9.56 -8.28
N GLN A 72 8.28 -9.84 -9.53
CA GLN A 72 9.26 -9.93 -10.63
C GLN A 72 10.00 -8.61 -10.86
N HIS A 73 9.59 -7.58 -10.13
CA HIS A 73 10.25 -6.29 -10.10
C HIS A 73 11.45 -6.25 -9.13
N MET A 74 11.54 -7.26 -8.27
CA MET A 74 12.60 -7.32 -7.25
C MET A 74 13.76 -8.19 -7.72
N ALA B 14 9.45 7.05 -5.18
CA ALA B 14 8.76 6.39 -4.05
C ALA B 14 7.81 5.28 -4.53
N PHE B 15 6.51 5.57 -4.53
CA PHE B 15 5.46 4.65 -4.97
C PHE B 15 5.08 4.92 -6.43
N GLY B 16 4.31 4.01 -7.02
CA GLY B 16 3.86 4.14 -8.41
C GLY B 16 2.74 5.14 -8.60
N SER B 17 2.00 5.41 -7.53
CA SER B 17 0.88 6.34 -7.55
C SER B 17 0.54 6.78 -6.13
N VAL B 18 -0.20 7.90 -6.04
CA VAL B 18 -0.75 8.40 -4.78
C VAL B 18 -1.66 7.35 -4.14
N GLY B 19 -2.43 6.64 -4.97
CA GLY B 19 -3.24 5.51 -4.52
C GLY B 19 -2.43 4.47 -3.77
N GLU B 20 -1.38 3.94 -4.41
CA GLU B 20 -0.51 2.93 -3.79
C GLU B 20 -0.05 3.38 -2.42
N TRP B 21 0.41 4.63 -2.35
CA TRP B 21 0.89 5.25 -1.10
C TRP B 21 -0.18 5.25 0.00
N LEU B 22 -1.35 5.80 -0.31
CA LEU B 22 -2.47 5.89 0.64
C LEU B 22 -2.86 4.51 1.15
N ARG B 23 -2.93 3.53 0.26
CA ARG B 23 -3.21 2.15 0.67
C ARG B 23 -2.11 1.59 1.54
N ALA B 24 -0.87 1.90 1.18
CA ALA B 24 0.28 1.40 1.91
C ALA B 24 0.23 1.86 3.37
N ILE B 25 -0.13 3.13 3.58
CA ILE B 25 -0.21 3.66 4.95
C ILE B 25 -1.59 3.49 5.58
N LYS B 26 -2.35 2.51 5.09
CA LYS B 26 -3.66 2.13 5.64
C LYS B 26 -4.70 3.24 5.51
N MET B 27 -4.50 4.10 4.52
CA MET B 27 -5.31 5.27 4.34
C MET B 27 -6.07 5.23 3.01
N GLY B 28 -6.22 4.02 2.48
CA GLY B 28 -6.90 3.79 1.19
C GLY B 28 -8.32 4.32 1.10
N ARG B 29 -8.98 4.49 2.24
CA ARG B 29 -10.35 5.03 2.28
C ARG B 29 -10.46 6.42 1.63
N TYR B 30 -9.36 7.18 1.63
CA TYR B 30 -9.36 8.54 1.06
C TYR B 30 -8.89 8.62 -0.41
N GLU B 31 -8.75 7.48 -1.09
CA GLU B 31 -8.28 7.51 -2.46
C GLU B 31 -9.08 8.40 -3.39
N GLU B 32 -10.40 8.21 -3.44
N GLU B 32 -10.40 8.21 -3.42
CA GLU B 32 -11.26 8.98 -4.37
CA GLU B 32 -11.27 8.95 -4.34
C GLU B 32 -11.25 10.46 -4.01
C GLU B 32 -11.27 10.45 -4.00
N SER B 33 -11.25 10.76 -2.70
CA SER B 33 -11.19 12.12 -2.21
C SER B 33 -9.93 12.87 -2.64
N PHE B 34 -8.77 12.22 -2.54
CA PHE B 34 -7.49 12.83 -2.96
C PHE B 34 -7.56 13.13 -4.45
N ALA B 35 -8.01 12.14 -5.21
CA ALA B 35 -8.03 12.18 -6.67
C ALA B 35 -8.92 13.31 -7.17
N ALA B 36 -10.12 13.40 -6.61
CA ALA B 36 -11.12 14.42 -6.98
C ALA B 36 -10.72 15.83 -6.59
N ALA B 37 -9.94 15.95 -5.51
CA ALA B 37 -9.42 17.25 -5.07
C ALA B 37 -8.24 17.72 -5.93
N GLY B 38 -7.70 16.83 -6.76
CA GLY B 38 -6.57 17.15 -7.65
C GLY B 38 -5.22 16.91 -7.03
N PHE B 39 -5.15 16.00 -6.05
CA PHE B 39 -3.89 15.58 -5.47
C PHE B 39 -3.43 14.28 -6.10
N GLY B 40 -2.94 14.37 -7.33
CA GLY B 40 -2.64 13.20 -8.15
C GLY B 40 -1.17 12.94 -8.38
N SER B 41 -0.34 13.86 -7.89
CA SER B 41 1.11 13.70 -7.96
C SER B 41 1.70 13.90 -6.58
N PHE B 42 2.86 13.31 -6.37
CA PHE B 42 3.56 13.46 -5.10
C PHE B 42 4.17 14.85 -4.90
N GLU B 43 4.40 15.56 -6.00
CA GLU B 43 4.85 16.95 -5.92
C GLU B 43 3.83 17.79 -5.13
N LEU B 44 2.55 17.61 -5.46
CA LEU B 44 1.48 18.28 -4.75
C LEU B 44 1.28 17.73 -3.32
N VAL B 45 1.15 16.41 -3.19
CA VAL B 45 0.91 15.85 -1.86
C VAL B 45 2.04 16.14 -0.88
N SER B 46 3.26 16.34 -1.39
CA SER B 46 4.40 16.68 -0.52
C SER B 46 4.27 18.08 0.10
N GLN B 47 3.38 18.90 -0.45
CA GLN B 47 3.11 20.24 0.07
C GLN B 47 1.77 20.32 0.80
N ILE B 48 1.12 19.17 0.97
CA ILE B 48 -0.19 19.08 1.62
C ILE B 48 -0.12 19.58 3.07
N SER B 49 -1.16 20.28 3.51
CA SER B 49 -1.27 20.73 4.90
C SER B 49 -2.54 20.16 5.55
N ALA B 50 -2.67 20.37 6.86
CA ALA B 50 -3.85 19.91 7.62
C ALA B 50 -5.17 20.42 7.00
N GLU B 51 -5.15 21.67 6.55
CA GLU B 51 -6.32 22.27 5.96
C GLU B 51 -6.75 21.58 4.66
N ASP B 52 -5.78 21.26 3.81
CA ASP B 52 -6.10 20.53 2.58
C ASP B 52 -6.78 19.20 2.94
N LEU B 53 -6.20 18.48 3.90
CA LEU B 53 -6.73 17.20 4.36
C LEU B 53 -8.17 17.33 4.88
N LEU B 54 -8.43 18.38 5.64
CA LEU B 54 -9.80 18.66 6.09
C LEU B 54 -10.75 18.87 4.91
N ARG B 55 -10.35 19.69 3.95
CA ARG B 55 -11.19 19.95 2.77
C ARG B 55 -11.40 18.67 1.97
N ILE B 56 -10.34 17.88 1.82
CA ILE B 56 -10.40 16.55 1.15
C ILE B 56 -11.47 15.67 1.77
N GLY B 57 -11.66 15.80 3.08
CA GLY B 57 -12.59 14.97 3.83
C GLY B 57 -11.90 14.08 4.85
N VAL B 58 -10.65 14.37 5.18
CA VAL B 58 -9.98 13.62 6.25
C VAL B 58 -10.32 14.31 7.57
N THR B 59 -11.43 13.89 8.20
CA THR B 59 -11.96 14.56 9.39
C THR B 59 -11.27 14.20 10.71
N LEU B 60 -10.65 13.02 10.77
CA LEU B 60 -9.99 12.56 11.99
C LEU B 60 -8.58 13.10 12.08
N ALA B 61 -8.25 13.80 13.17
CA ALA B 61 -6.92 14.40 13.35
C ALA B 61 -5.85 13.33 13.38
N GLY B 62 -6.18 12.17 13.94
CA GLY B 62 -5.30 11.01 13.95
C GLY B 62 -4.90 10.59 12.55
N HIS B 63 -5.86 10.59 11.63
CA HIS B 63 -5.58 10.27 10.24
C HIS B 63 -4.77 11.38 9.56
N GLN B 64 -5.08 12.64 9.89
CA GLN B 64 -4.30 13.79 9.42
C GLN B 64 -2.83 13.68 9.83
N LYS B 65 -2.60 13.39 11.11
CA LYS B 65 -1.26 13.23 11.65
C LYS B 65 -0.50 12.14 10.90
N LYS B 66 -1.14 11.00 10.68
CA LYS B 66 -0.51 9.84 10.05
C LYS B 66 -0.12 10.17 8.63
N ILE B 67 -1.03 10.82 7.92
CA ILE B 67 -0.76 11.24 6.56
C ILE B 67 0.34 12.29 6.55
N LEU B 68 0.24 13.30 7.40
CA LEU B 68 1.22 14.39 7.43
C LEU B 68 2.62 13.91 7.84
N ALA B 69 2.67 12.92 8.73
CA ALA B 69 3.94 12.33 9.19
C ALA B 69 4.57 11.52 8.05
N SER B 70 3.71 10.93 7.21
CA SER B 70 4.15 10.14 6.06
C SER B 70 4.77 10.99 4.94
N VAL B 71 4.17 12.14 4.62
CA VAL B 71 4.76 13.03 3.62
C VAL B 71 5.99 13.74 4.20
N GLN B 72 5.99 13.92 5.52
CA GLN B 72 7.07 14.58 6.26
C GLN B 72 8.46 14.07 5.85
N HIS B 73 8.50 12.84 5.34
CA HIS B 73 9.68 12.29 4.70
C HIS B 73 9.91 12.97 3.35
N MET B 74 10.64 14.09 3.39
CA MET B 74 10.93 14.96 2.24
C MET B 74 10.40 14.49 0.89
#